data_6QBH
#
_entry.id   6QBH
#
_cell.length_a   80.244
_cell.length_b   94.136
_cell.length_c   117.580
_cell.angle_alpha   90.000
_cell.angle_beta   90.000
_cell.angle_gamma   90.000
#
_symmetry.space_group_name_H-M   'C 2 2 21'
#
loop_
_entity.id
_entity.type
_entity.pdbx_description
1 polymer 'Cathepsin D'
2 polymer 'Cathepsin D'
3 branched 2-acetamido-2-deoxy-beta-D-glucopyranose-(1-4)-2-acetamido-2-deoxy-beta-D-glucopyranose
4 non-polymer (4~{S},5~{S},9~{S})-5-oxidanyl-4-(phenylmethyl)-9-propan-2-yl-1-oxa-3,8,11-triazacyclodocosane-2,7,10-trione
5 non-polymer 2-acetamido-2-deoxy-beta-D-glucopyranose
6 non-polymer 'SULFATE ION'
7 non-polymer 'DIMETHYL SULFOXIDE'
8 water water
#
loop_
_entity_poly.entity_id
_entity_poly.type
_entity_poly.pdbx_seq_one_letter_code
_entity_poly.pdbx_strand_id
1 'polypeptide(L)'
;GPIPEVLKNYMDAQYYGEIGIGTPPQCFTVVFDTGSSNLWVPSIHCKLLDIACWIHHKYNSDKSSTYVKNGTSFDIHYGS
GSLSGYLSQDTVSVPCQ
;
A
2 'polypeptide(L)'
;GVKVERQVFGEATKQPGITFIAAKFDGILGMAYPRISVNNVLPVFDNLMQQKLVDQNIFSFYLSRDPDAQPGGELMLGGT
DSKYYKGSLSYLNVTRKAYWQVHLDQVEVASGLTLCKEGCEAIVDTGTSLMVGPVDEVRELQKAIGAVPLIQGEYMIPCE
KVSTLPAITLKLGGKGYKLSPEDYTLKVSQAGKTLCLSGFMGMDIPPPSGPLWILGDVFIGRYYTVFDRDNNRVGFAEAA
R
;
B
#
# COMPACT_ATOMS: atom_id res chain seq x y z
N GLY A 1 -0.69 19.98 14.60
CA GLY A 1 0.36 18.93 14.71
C GLY A 1 0.13 17.80 13.73
N PRO A 2 0.94 16.73 13.82
CA PRO A 2 0.71 15.50 13.01
C PRO A 2 -0.72 14.98 13.15
N ILE A 3 -1.28 14.38 12.09
CA ILE A 3 -2.66 13.88 12.10
CA ILE A 3 -2.66 13.88 12.10
C ILE A 3 -2.65 12.34 12.08
N PRO A 4 -3.10 11.70 13.18
CA PRO A 4 -3.23 10.24 13.10
C PRO A 4 -4.47 9.78 12.35
N GLU A 5 -4.26 8.77 11.51
CA GLU A 5 -5.33 8.12 10.76
C GLU A 5 -5.26 6.64 11.07
N VAL A 6 -6.15 6.17 11.93
CA VAL A 6 -6.16 4.79 12.33
C VAL A 6 -6.60 3.93 11.14
N LEU A 7 -6.07 2.72 11.04
CA LEU A 7 -6.35 1.80 9.96
C LEU A 7 -6.95 0.53 10.50
N LYS A 8 -7.82 -0.07 9.71
CA LYS A 8 -8.22 -1.45 9.94
C LYS A 8 -7.32 -2.42 9.19
N ASN A 9 -7.22 -3.65 9.71
CA ASN A 9 -6.47 -4.74 9.09
C ASN A 9 -7.44 -5.89 8.84
N TYR A 10 -7.65 -6.25 7.59
CA TYR A 10 -8.35 -7.48 7.24
C TYR A 10 -7.36 -8.56 6.79
N MET A 11 -7.22 -9.60 7.62
CA MET A 11 -6.45 -10.83 7.31
C MET A 11 -4.99 -10.61 6.91
N ASP A 12 -4.37 -9.56 7.44
CA ASP A 12 -2.99 -9.16 7.06
C ASP A 12 -2.84 -8.88 5.56
N ALA A 13 -3.96 -8.67 4.84
CA ALA A 13 -3.99 -8.52 3.38
C ALA A 13 -4.54 -7.17 2.90
N GLN A 14 -5.42 -6.54 3.66
CA GLN A 14 -5.98 -5.23 3.31
C GLN A 14 -5.93 -4.35 4.53
N TYR A 15 -5.33 -3.17 4.38
CA TYR A 15 -5.29 -2.12 5.41
C TYR A 15 -5.91 -0.85 4.84
N TYR A 16 -6.83 -0.29 5.59
CA TYR A 16 -7.65 0.79 5.10
C TYR A 16 -8.20 1.63 6.24
N GLY A 17 -8.40 2.90 5.93
CA GLY A 17 -8.98 3.87 6.86
C GLY A 17 -10.05 4.72 6.22
N GLU A 18 -10.75 5.47 7.08
CA GLU A 18 -11.90 6.30 6.67
C GLU A 18 -11.46 7.69 6.32
N ILE A 19 -11.97 8.19 5.20
CA ILE A 19 -11.82 9.57 4.81
C ILE A 19 -13.22 10.13 4.49
N GLY A 20 -13.28 11.45 4.35
CA GLY A 20 -14.46 12.17 3.92
C GLY A 20 -14.23 12.85 2.61
N ILE A 21 -15.26 12.87 1.77
CA ILE A 21 -15.26 13.70 0.58
C ILE A 21 -16.57 14.53 0.59
N GLY A 22 -16.46 15.82 0.43
CA GLY A 22 -17.63 16.67 0.41
C GLY A 22 -17.88 17.50 1.64
N THR A 23 -18.89 18.38 1.50
CA THR A 23 -19.44 19.19 2.58
C THR A 23 -20.99 19.03 2.62
N PRO A 24 -21.54 18.40 3.66
CA PRO A 24 -20.78 17.72 4.70
C PRO A 24 -20.07 16.43 4.16
N PRO A 25 -19.12 15.90 4.95
CA PRO A 25 -18.32 14.79 4.41
C PRO A 25 -19.12 13.54 4.24
N GLN A 26 -18.94 12.93 3.08
CA GLN A 26 -19.43 11.59 2.82
C GLN A 26 -18.27 10.63 3.12
N CYS A 27 -18.49 9.64 3.99
CA CYS A 27 -17.40 8.75 4.38
C CYS A 27 -17.14 7.58 3.40
N PHE A 28 -15.85 7.30 3.21
CA PHE A 28 -15.34 6.17 2.40
C PHE A 28 -14.15 5.53 3.08
N THR A 29 -13.98 4.22 2.90
CA THR A 29 -12.77 3.54 3.29
C THR A 29 -11.85 3.46 2.09
N VAL A 30 -10.56 3.74 2.31
CA VAL A 30 -9.57 3.71 1.25
C VAL A 30 -8.30 3.01 1.71
N VAL A 31 -7.62 2.36 0.76
CA VAL A 31 -6.23 2.01 0.91
C VAL A 31 -5.39 3.25 0.65
N PHE A 32 -4.53 3.58 1.61
CA PHE A 32 -3.51 4.61 1.46
C PHE A 32 -2.32 3.86 0.83
N ASP A 33 -2.16 4.10 -0.47
CA ASP A 33 -1.37 3.30 -1.37
C ASP A 33 -0.12 4.05 -1.80
N THR A 34 1.05 3.67 -1.28
CA THR A 34 2.28 4.33 -1.70
C THR A 34 2.81 3.82 -3.06
N GLY A 35 2.12 2.88 -3.70
CA GLY A 35 2.45 2.49 -5.09
C GLY A 35 1.59 3.08 -6.19
N SER A 36 0.82 4.12 -5.89
CA SER A 36 0.03 4.91 -6.84
C SER A 36 -0.18 6.35 -6.33
N SER A 37 -0.78 7.21 -7.17
CA SER A 37 -0.85 8.65 -6.91
C SER A 37 -2.23 9.27 -7.11
N ASN A 38 -3.25 8.47 -7.45
CA ASN A 38 -4.61 8.96 -7.61
C ASN A 38 -5.51 8.58 -6.46
N LEU A 39 -6.45 9.49 -6.17
CA LEU A 39 -7.60 9.21 -5.31
C LEU A 39 -8.84 8.93 -6.15
N TRP A 40 -9.55 7.86 -5.80
CA TRP A 40 -10.87 7.64 -6.34
C TRP A 40 -11.76 6.89 -5.38
N VAL A 41 -13.07 7.07 -5.55
CA VAL A 41 -14.09 6.33 -4.84
C VAL A 41 -15.23 6.03 -5.84
N PRO A 42 -16.10 5.09 -5.51
CA PRO A 42 -17.23 4.79 -6.40
C PRO A 42 -18.20 5.98 -6.49
N SER A 43 -18.75 6.21 -7.68
CA SER A 43 -19.78 7.19 -7.95
C SER A 43 -21.16 6.60 -7.77
N ILE A 44 -22.10 7.44 -7.32
CA ILE A 44 -23.52 7.13 -7.41
C ILE A 44 -23.98 6.93 -8.86
N HIS A 45 -23.21 7.48 -9.81
CA HIS A 45 -23.48 7.31 -11.25
C HIS A 45 -22.77 6.11 -11.86
N CYS A 46 -22.30 5.17 -11.03
CA CYS A 46 -21.67 3.98 -11.57
C CYS A 46 -22.65 3.20 -12.46
N LYS A 47 -22.11 2.50 -13.43
CA LYS A 47 -22.93 1.72 -14.35
C LYS A 47 -23.54 0.56 -13.61
N LEU A 48 -24.70 0.13 -14.07
CA LEU A 48 -25.38 -1.05 -13.50
C LEU A 48 -24.54 -2.33 -13.65
N LEU A 49 -23.68 -2.39 -14.67
CA LEU A 49 -22.69 -3.50 -14.86
C LEU A 49 -21.67 -3.64 -13.73
N ASP A 50 -21.41 -2.56 -13.00
CA ASP A 50 -20.37 -2.50 -11.94
C ASP A 50 -20.90 -3.12 -10.63
N ILE A 51 -20.72 -4.43 -10.52
CA ILE A 51 -21.16 -5.20 -9.35
C ILE A 51 -20.48 -4.69 -8.05
N ALA A 52 -19.20 -4.31 -8.13
CA ALA A 52 -18.49 -3.81 -6.95
C ALA A 52 -19.26 -2.63 -6.33
N CYS A 53 -19.79 -1.75 -7.17
CA CYS A 53 -20.50 -0.54 -6.74
C CYS A 53 -21.76 -0.83 -5.90
N TRP A 54 -22.40 -1.97 -6.15
CA TRP A 54 -23.60 -2.37 -5.45
C TRP A 54 -23.38 -2.52 -3.96
N ILE A 55 -22.17 -2.85 -3.56
CA ILE A 55 -21.94 -3.15 -2.14
C ILE A 55 -20.80 -2.29 -1.52
N HIS A 56 -20.54 -1.13 -2.11
CA HIS A 56 -19.58 -0.16 -1.56
C HIS A 56 -20.26 1.20 -1.50
N HIS A 57 -19.65 2.09 -0.73
CA HIS A 57 -20.18 3.47 -0.59
C HIS A 57 -19.96 4.26 -1.86
N LYS A 58 -20.94 5.10 -2.18
CA LYS A 58 -20.99 5.83 -3.45
C LYS A 58 -21.03 7.35 -3.19
N TYR A 59 -20.21 8.10 -3.90
CA TYR A 59 -20.17 9.55 -3.78
C TYR A 59 -21.28 10.18 -4.58
N ASN A 60 -22.00 11.08 -3.93
CA ASN A 60 -23.08 11.85 -4.57
C ASN A 60 -22.73 13.35 -4.60
N SER A 61 -22.33 13.87 -5.76
CA SER A 61 -21.94 15.26 -5.86
C SER A 61 -23.06 16.29 -5.55
N ASP A 62 -24.30 15.91 -5.83
CA ASP A 62 -25.49 16.72 -5.53
C ASP A 62 -25.62 17.07 -4.06
N LYS A 63 -25.07 16.25 -3.18
CA LYS A 63 -25.16 16.47 -1.75
C LYS A 63 -24.00 17.24 -1.14
N SER A 64 -23.07 17.70 -1.97
CA SER A 64 -21.90 18.43 -1.51
C SER A 64 -21.89 19.89 -1.96
N SER A 65 -21.87 20.80 -0.99
CA SER A 65 -21.83 22.22 -1.30
C SER A 65 -20.45 22.66 -1.85
N THR A 66 -19.40 21.88 -1.65
CA THR A 66 -18.04 22.24 -2.09
C THR A 66 -17.65 21.57 -3.39
N TYR A 67 -18.50 20.68 -3.89
CA TYR A 67 -18.25 20.04 -5.18
C TYR A 67 -18.06 21.07 -6.29
N VAL A 68 -17.07 20.83 -7.14
CA VAL A 68 -16.85 21.58 -8.35
C VAL A 68 -16.70 20.55 -9.47
N LYS A 69 -17.49 20.70 -10.52
CA LYS A 69 -17.46 19.73 -11.62
C LYS A 69 -16.15 19.75 -12.41
N ASN A 70 -15.70 18.59 -12.89
CA ASN A 70 -14.60 18.51 -13.83
C ASN A 70 -15.08 17.73 -15.04
N GLY A 71 -15.35 16.44 -14.87
CA GLY A 71 -15.95 15.62 -15.90
C GLY A 71 -15.01 14.92 -16.84
N THR A 72 -13.71 15.20 -16.77
CA THR A 72 -12.73 14.54 -17.65
C THR A 72 -12.66 13.04 -17.34
N SER A 73 -12.69 12.22 -18.39
CA SER A 73 -12.64 10.78 -18.21
C SER A 73 -11.22 10.32 -17.75
N PHE A 74 -11.19 9.26 -16.94
CA PHE A 74 -9.94 8.65 -16.49
C PHE A 74 -10.08 7.12 -16.57
N ASP A 75 -8.93 6.47 -16.75
CA ASP A 75 -8.80 5.02 -16.69
C ASP A 75 -7.53 4.72 -15.91
N ILE A 76 -7.60 3.83 -14.93
CA ILE A 76 -6.41 3.47 -14.13
C ILE A 76 -6.25 1.97 -14.16
N HIS A 77 -5.03 1.52 -14.46
CA HIS A 77 -4.64 0.10 -14.45
C HIS A 77 -3.59 -0.20 -13.38
N TYR A 78 -3.98 -1.02 -12.41
CA TYR A 78 -3.07 -1.49 -11.33
C TYR A 78 -2.60 -2.89 -11.68
N GLY A 79 -1.63 -3.41 -10.91
CA GLY A 79 -1.20 -4.81 -11.04
C GLY A 79 -2.36 -5.77 -10.84
N SER A 80 -3.21 -5.53 -9.87
CA SER A 80 -4.42 -6.30 -9.65
C SER A 80 -5.53 -5.32 -9.91
N GLY A 81 -6.18 -5.46 -11.04
CA GLY A 81 -7.38 -4.66 -11.33
C GLY A 81 -7.28 -3.31 -12.01
N SER A 82 -8.42 -2.92 -12.60
CA SER A 82 -8.61 -1.72 -13.39
CA SER A 82 -8.55 -1.65 -13.28
C SER A 82 -9.93 -1.06 -13.04
N LEU A 83 -10.05 0.22 -13.36
CA LEU A 83 -11.30 0.94 -13.27
C LEU A 83 -11.26 2.20 -14.16
N SER A 84 -12.45 2.73 -14.43
CA SER A 84 -12.58 4.00 -15.12
C SER A 84 -13.74 4.78 -14.57
N GLY A 85 -13.76 6.05 -14.96
CA GLY A 85 -14.80 6.97 -14.55
C GLY A 85 -14.53 8.36 -15.01
N TYR A 86 -14.96 9.33 -14.21
CA TYR A 86 -14.70 10.73 -14.49
C TYR A 86 -14.23 11.49 -13.26
N LEU A 87 -13.54 12.60 -13.52
CA LEU A 87 -12.96 13.37 -12.45
C LEU A 87 -13.94 14.36 -11.88
N SER A 88 -13.75 14.68 -10.61
CA SER A 88 -14.50 15.71 -9.91
C SER A 88 -13.56 16.43 -8.93
N GLN A 89 -14.02 17.52 -8.30
CA GLN A 89 -13.24 18.25 -7.28
C GLN A 89 -14.07 18.53 -6.04
N ASP A 90 -13.46 18.29 -4.87
CA ASP A 90 -14.11 18.52 -3.61
C ASP A 90 -13.09 18.56 -2.47
N THR A 91 -13.59 18.87 -1.27
CA THR A 91 -12.77 18.84 -0.08
C THR A 91 -12.66 17.39 0.43
N VAL A 92 -11.42 16.98 0.72
CA VAL A 92 -11.16 15.62 1.29
C VAL A 92 -10.75 15.78 2.76
N SER A 93 -11.46 15.10 3.64
CA SER A 93 -11.19 15.11 5.07
C SER A 93 -10.48 13.83 5.52
N VAL A 94 -9.43 13.97 6.34
CA VAL A 94 -8.76 12.82 6.95
C VAL A 94 -8.60 13.12 8.45
N PRO A 95 -9.17 12.31 9.34
CA PRO A 95 -10.15 11.26 9.06
C PRO A 95 -11.46 11.86 8.55
N CYS A 96 -12.48 11.01 8.37
CA CYS A 96 -13.78 11.48 7.87
C CYS A 96 -14.38 12.53 8.81
N GLN A 97 -14.34 12.22 10.09
CA GLN A 97 -14.84 13.05 11.17
C GLN A 97 -13.68 13.10 12.17
N GLY B 1 -8.13 16.54 12.85
CA GLY B 1 -8.10 16.12 11.43
C GLY B 1 -7.56 17.19 10.49
N VAL B 2 -7.63 16.93 9.19
CA VAL B 2 -7.21 17.89 8.20
C VAL B 2 -8.26 17.93 7.07
N LYS B 3 -8.42 19.10 6.44
CA LYS B 3 -9.31 19.28 5.30
C LYS B 3 -8.49 19.80 4.14
N VAL B 4 -8.32 18.95 3.13
CA VAL B 4 -7.57 19.29 1.93
C VAL B 4 -8.60 19.80 0.92
N GLU B 5 -8.50 21.10 0.62
CA GLU B 5 -9.44 21.79 -0.26
C GLU B 5 -9.08 21.58 -1.71
N ARG B 6 -10.10 21.69 -2.56
CA ARG B 6 -9.93 21.68 -4.03
C ARG B 6 -9.18 20.45 -4.54
N GLN B 7 -9.46 19.29 -3.94
CA GLN B 7 -8.80 18.05 -4.38
C GLN B 7 -9.52 17.46 -5.59
N VAL B 8 -8.78 17.20 -6.66
CA VAL B 8 -9.28 16.49 -7.83
C VAL B 8 -9.19 14.95 -7.57
N PHE B 9 -10.26 14.25 -7.89
CA PHE B 9 -10.34 12.78 -7.65
C PHE B 9 -11.23 12.11 -8.67
N GLY B 10 -11.14 10.79 -8.75
CA GLY B 10 -11.98 9.99 -9.62
C GLY B 10 -13.28 9.53 -8.99
N GLU B 11 -14.37 9.71 -9.74
CA GLU B 11 -15.65 9.11 -9.47
C GLU B 11 -15.68 7.86 -10.36
N ALA B 12 -15.48 6.69 -9.77
CA ALA B 12 -15.43 5.43 -10.54
C ALA B 12 -16.82 5.00 -10.99
N THR B 13 -16.97 4.73 -12.28
CA THR B 13 -18.23 4.23 -12.84
C THR B 13 -18.19 2.79 -13.42
N LYS B 14 -16.98 2.30 -13.72
CA LYS B 14 -16.77 0.93 -14.21
C LYS B 14 -15.59 0.32 -13.46
N GLN B 15 -15.76 -0.91 -13.00
CA GLN B 15 -14.71 -1.70 -12.34
C GLN B 15 -14.81 -3.14 -12.87
N PRO B 16 -14.21 -3.41 -14.03
CA PRO B 16 -14.34 -4.76 -14.62
C PRO B 16 -13.58 -5.82 -13.81
N GLY B 17 -13.95 -7.07 -13.98
CA GLY B 17 -13.33 -8.16 -13.22
C GLY B 17 -13.82 -8.18 -11.79
N ILE B 18 -13.08 -8.86 -10.92
CA ILE B 18 -13.56 -9.19 -9.57
C ILE B 18 -12.76 -8.53 -8.45
N THR B 19 -11.67 -7.83 -8.76
CA THR B 19 -10.77 -7.45 -7.67
C THR B 19 -11.42 -6.48 -6.66
N PHE B 20 -12.37 -5.63 -7.08
CA PHE B 20 -12.96 -4.67 -6.14
C PHE B 20 -14.26 -5.17 -5.51
N ILE B 21 -14.75 -6.34 -5.93
CA ILE B 21 -16.09 -6.80 -5.48
C ILE B 21 -16.05 -7.13 -4.02
N ALA B 22 -15.15 -8.00 -3.63
CA ALA B 22 -15.15 -8.43 -2.24
C ALA B 22 -14.17 -7.66 -1.37
N ALA B 23 -13.43 -6.69 -1.96
CA ALA B 23 -12.54 -5.82 -1.20
C ALA B 23 -13.28 -5.13 -0.07
N LYS B 24 -12.62 -5.00 1.06
CA LYS B 24 -13.22 -4.36 2.23
C LYS B 24 -13.29 -2.84 2.12
N PHE B 25 -12.54 -2.27 1.19
CA PHE B 25 -12.36 -0.83 1.11
C PHE B 25 -13.18 -0.37 -0.10
N ASP B 26 -13.62 0.89 -0.07
CA ASP B 26 -14.38 1.53 -1.18
C ASP B 26 -13.49 2.06 -2.30
N GLY B 27 -12.32 2.59 -1.93
CA GLY B 27 -11.43 3.20 -2.89
C GLY B 27 -9.96 3.20 -2.55
N ILE B 28 -9.18 3.95 -3.35
CA ILE B 28 -7.73 4.01 -3.16
C ILE B 28 -7.30 5.49 -3.09
N LEU B 29 -6.43 5.78 -2.13
CA LEU B 29 -5.82 7.10 -2.00
C LEU B 29 -4.33 6.95 -2.21
N GLY B 30 -3.88 7.31 -3.40
CA GLY B 30 -2.51 7.15 -3.77
C GLY B 30 -1.58 8.17 -3.16
N MET B 31 -0.42 7.72 -2.67
CA MET B 31 0.52 8.60 -1.96
C MET B 31 1.94 8.59 -2.53
N ALA B 32 2.07 8.17 -3.79
CA ALA B 32 3.37 8.20 -4.48
C ALA B 32 3.56 9.60 -5.11
N TYR B 33 4.53 9.74 -6.01
CA TYR B 33 4.86 11.06 -6.57
C TYR B 33 3.91 11.44 -7.69
N PRO B 34 3.88 12.74 -8.03
CA PRO B 34 3.01 13.19 -9.14
C PRO B 34 3.31 12.55 -10.48
N ARG B 35 4.58 12.20 -10.72
CA ARG B 35 5.01 11.59 -11.99
C ARG B 35 4.12 10.41 -12.44
N ILE B 36 3.62 9.58 -11.51
CA ILE B 36 2.78 8.44 -11.91
C ILE B 36 1.27 8.64 -11.69
N SER B 37 0.84 9.86 -11.43
CA SER B 37 -0.59 10.18 -11.35
C SER B 37 -1.24 10.18 -12.75
N VAL B 38 -2.24 9.35 -12.91
CA VAL B 38 -3.05 9.28 -14.14
C VAL B 38 -3.77 10.64 -14.36
N ASN B 39 -3.71 11.15 -15.59
CA ASN B 39 -4.25 12.48 -15.94
C ASN B 39 -3.48 13.64 -15.27
N ASN B 40 -2.29 13.37 -14.71
CA ASN B 40 -1.49 14.36 -14.05
C ASN B 40 -2.26 15.07 -12.96
N VAL B 41 -3.10 14.36 -12.22
CA VAL B 41 -3.88 14.96 -11.19
C VAL B 41 -2.98 15.15 -9.95
N LEU B 42 -2.94 16.36 -9.41
CA LEU B 42 -2.12 16.65 -8.22
C LEU B 42 -2.59 15.77 -7.06
N PRO B 43 -1.69 14.90 -6.53
CA PRO B 43 -2.10 13.98 -5.44
C PRO B 43 -2.53 14.68 -4.14
N VAL B 44 -3.23 13.92 -3.31
CA VAL B 44 -3.70 14.44 -2.05
C VAL B 44 -2.56 15.00 -1.20
N PHE B 45 -1.48 14.23 -1.04
CA PHE B 45 -0.42 14.67 -0.12
C PHE B 45 0.28 15.92 -0.70
N ASP B 46 0.39 16.01 -2.03
CA ASP B 46 0.93 17.19 -2.69
C ASP B 46 0.10 18.45 -2.44
N ASN B 47 -1.22 18.30 -2.51
CA ASN B 47 -2.14 19.39 -2.15
C ASN B 47 -2.06 19.80 -0.71
N LEU B 48 -1.98 18.80 0.14
CA LEU B 48 -1.77 19.02 1.58
C LEU B 48 -0.50 19.86 1.90
N MET B 49 0.61 19.51 1.27
CA MET B 49 1.88 20.29 1.30
C MET B 49 1.71 21.72 0.77
N GLN B 50 1.15 21.87 -0.41
CA GLN B 50 0.89 23.19 -0.97
C GLN B 50 0.03 24.03 -0.03
N GLN B 51 -0.95 23.43 0.64
CA GLN B 51 -1.82 24.16 1.57
C GLN B 51 -1.23 24.30 2.96
N LYS B 52 -0.02 23.78 3.17
CA LYS B 52 0.73 23.91 4.42
C LYS B 52 -0.05 23.44 5.61
N LEU B 53 -0.69 22.29 5.43
CA LEU B 53 -1.56 21.74 6.45
C LEU B 53 -0.79 20.90 7.45
N VAL B 54 0.47 20.58 7.16
CA VAL B 54 1.40 20.01 8.16
C VAL B 54 2.72 20.74 8.14
N ASP B 55 3.49 20.65 9.23
CA ASP B 55 4.81 21.29 9.31
C ASP B 55 5.94 20.47 8.71
N GLN B 56 5.92 19.15 8.88
CA GLN B 56 6.90 18.30 8.24
C GLN B 56 6.18 17.53 7.10
N ASN B 57 6.72 17.60 5.90
CA ASN B 57 6.12 16.90 4.76
C ASN B 57 6.57 15.45 4.68
N ILE B 58 6.17 14.69 5.69
CA ILE B 58 6.47 13.26 5.80
C ILE B 58 5.18 12.57 6.25
N PHE B 59 5.11 11.26 6.01
CA PHE B 59 4.03 10.46 6.54
C PHE B 59 4.54 9.04 6.81
N SER B 60 3.88 8.37 7.76
CA SER B 60 4.43 7.14 8.30
C SER B 60 3.37 6.08 8.49
N PHE B 61 3.76 4.82 8.32
CA PHE B 61 2.89 3.68 8.49
C PHE B 61 3.36 2.70 9.55
N TYR B 62 2.46 2.39 10.48
CA TYR B 62 2.46 1.18 11.28
C TYR B 62 1.39 0.25 10.74
N LEU B 63 1.76 -1.01 10.46
CA LEU B 63 0.81 -2.07 10.08
C LEU B 63 0.93 -3.25 11.04
N SER B 64 -0.15 -3.58 11.74
CA SER B 64 -0.15 -4.74 12.62
CA SER B 64 -0.18 -4.74 12.62
C SER B 64 -0.10 -6.01 11.80
N ARG B 65 0.66 -6.97 12.27
CA ARG B 65 0.75 -8.28 11.61
C ARG B 65 0.00 -9.41 12.32
N ASP B 66 -0.71 -9.09 13.38
CA ASP B 66 -1.70 -9.98 13.96
C ASP B 66 -3.03 -9.52 13.41
N PRO B 67 -3.69 -10.38 12.60
CA PRO B 67 -4.89 -9.97 11.90
C PRO B 67 -6.06 -9.56 12.77
N ASP B 68 -6.06 -9.99 14.04
CA ASP B 68 -7.13 -9.64 14.99
C ASP B 68 -6.77 -8.51 15.92
N ALA B 69 -5.56 -7.95 15.79
CA ALA B 69 -5.13 -6.87 16.65
C ALA B 69 -5.87 -5.56 16.42
N GLN B 70 -6.00 -4.76 17.49
CA GLN B 70 -6.63 -3.45 17.44
C GLN B 70 -5.63 -2.46 18.06
N PRO B 71 -5.24 -1.38 17.36
CA PRO B 71 -5.71 -1.01 16.02
C PRO B 71 -5.02 -1.83 14.96
N GLY B 72 -5.62 -1.91 13.77
CA GLY B 72 -5.01 -2.64 12.68
C GLY B 72 -3.76 -2.00 12.12
N GLY B 73 -3.64 -0.69 12.29
CA GLY B 73 -2.52 0.08 11.78
C GLY B 73 -2.75 1.55 12.10
N GLU B 74 -1.79 2.38 11.69
CA GLU B 74 -1.93 3.81 11.72
C GLU B 74 -1.08 4.47 10.63
N LEU B 75 -1.70 5.37 9.90
CA LEU B 75 -1.02 6.31 9.05
C LEU B 75 -0.95 7.63 9.83
N MET B 76 0.27 8.15 10.00
CA MET B 76 0.50 9.46 10.62
CA MET B 76 0.48 9.47 10.60
C MET B 76 0.89 10.46 9.53
N LEU B 77 0.05 11.47 9.32
CA LEU B 77 0.31 12.53 8.33
C LEU B 77 1.06 13.63 9.04
N GLY B 78 2.25 13.92 8.53
CA GLY B 78 3.06 15.02 9.03
C GLY B 78 3.99 14.69 10.19
N GLY B 79 4.16 13.40 10.49
CA GLY B 79 4.99 13.00 11.62
C GLY B 79 5.27 11.52 11.63
N THR B 80 5.95 11.06 12.67
CA THR B 80 6.15 9.64 12.98
C THR B 80 5.50 9.40 14.33
N ASP B 81 5.25 8.14 14.66
CA ASP B 81 4.54 7.83 15.90
C ASP B 81 5.36 6.82 16.71
N SER B 82 6.05 7.33 17.73
CA SER B 82 6.87 6.52 18.66
C SER B 82 6.20 5.36 19.39
N LYS B 83 4.88 5.40 19.52
CA LYS B 83 4.15 4.25 20.06
C LYS B 83 4.45 2.96 19.31
N TYR B 84 4.74 3.07 18.02
CA TYR B 84 4.76 1.93 17.12
C TYR B 84 6.13 1.54 16.60
N TYR B 85 7.19 2.20 17.05
CA TYR B 85 8.51 1.67 16.76
C TYR B 85 9.49 1.80 17.93
N LYS B 86 10.49 0.92 17.90
CA LYS B 86 11.59 0.90 18.83
C LYS B 86 12.87 1.35 18.10
N GLY B 87 13.60 2.26 18.74
CA GLY B 87 14.94 2.62 18.33
C GLY B 87 14.90 3.69 17.28
N SER B 88 16.00 3.82 16.54
CA SER B 88 16.13 4.92 15.62
C SER B 88 15.79 4.51 14.20
N LEU B 89 15.44 5.51 13.41
CA LEU B 89 15.16 5.33 12.01
C LEU B 89 16.47 5.29 11.23
N SER B 90 16.52 4.42 10.22
CA SER B 90 17.63 4.40 9.29
C SER B 90 17.08 4.74 7.93
N TYR B 91 17.76 5.59 7.17
CA TYR B 91 17.19 6.14 5.92
C TYR B 91 17.89 5.69 4.67
N LEU B 92 17.15 5.67 3.55
CA LEU B 92 17.70 5.46 2.20
C LEU B 92 17.11 6.53 1.30
N ASN B 93 17.92 7.03 0.37
CA ASN B 93 17.45 7.94 -0.64
C ASN B 93 16.54 7.28 -1.67
N VAL B 94 15.56 8.04 -2.16
CA VAL B 94 14.71 7.62 -3.24
C VAL B 94 15.59 7.75 -4.49
N THR B 95 15.58 6.72 -5.33
N THR B 95 15.52 6.77 -5.40
CA THR B 95 16.37 6.74 -6.56
CA THR B 95 16.37 6.73 -6.62
C THR B 95 15.50 7.46 -7.61
C THR B 95 15.69 7.15 -7.92
N ARG B 96 14.40 6.86 -8.03
CA ARG B 96 13.54 7.38 -9.10
C ARG B 96 12.29 7.90 -8.40
N LYS B 97 12.02 9.20 -8.52
CA LYS B 97 10.88 9.84 -7.85
C LYS B 97 9.61 9.64 -8.65
N ALA B 98 8.97 8.50 -8.45
CA ALA B 98 7.78 8.13 -9.21
C ALA B 98 6.96 7.25 -8.29
N TYR B 99 7.30 5.97 -8.22
CA TYR B 99 7.07 5.20 -7.01
C TYR B 99 8.02 5.66 -5.91
N TRP B 100 7.82 5.12 -4.71
CA TRP B 100 8.80 5.28 -3.67
C TRP B 100 9.90 4.22 -3.86
N GLN B 101 10.80 4.54 -4.78
CA GLN B 101 11.79 3.61 -5.28
C GLN B 101 13.13 3.82 -4.59
N VAL B 102 13.74 2.72 -4.16
CA VAL B 102 15.04 2.72 -3.49
C VAL B 102 15.96 1.63 -4.03
N HIS B 103 17.25 1.74 -3.75
CA HIS B 103 18.21 0.66 -4.10
C HIS B 103 18.19 -0.50 -3.07
N LEU B 104 18.03 -1.74 -3.56
CA LEU B 104 18.08 -2.95 -2.76
C LEU B 104 19.43 -3.63 -3.03
N ASP B 105 20.23 -3.81 -1.98
CA ASP B 105 21.61 -4.31 -2.14
C ASP B 105 21.64 -5.82 -2.40
N GLN B 106 20.76 -6.57 -1.74
CA GLN B 106 20.63 -8.03 -1.94
C GLN B 106 19.51 -8.61 -1.11
N VAL B 107 19.14 -9.86 -1.43
CA VAL B 107 18.19 -10.64 -0.68
C VAL B 107 18.85 -12.00 -0.41
N GLU B 108 18.94 -12.39 0.86
CA GLU B 108 19.66 -13.63 1.24
C GLU B 108 18.78 -14.55 2.06
N VAL B 109 18.63 -15.79 1.60
CA VAL B 109 17.97 -16.82 2.39
C VAL B 109 19.06 -17.37 3.34
N ALA B 110 18.77 -17.56 4.64
CA ALA B 110 19.83 -17.94 5.61
C ALA B 110 20.64 -19.21 5.24
N SER B 111 19.98 -20.15 4.56
CA SER B 111 20.59 -21.42 4.13
C SER B 111 21.55 -21.24 2.93
N GLY B 112 21.61 -20.05 2.35
CA GLY B 112 22.69 -19.67 1.43
C GLY B 112 22.31 -19.01 0.10
N LEU B 113 21.10 -19.23 -0.38
CA LEU B 113 20.68 -18.65 -1.68
C LEU B 113 20.69 -17.12 -1.58
N THR B 114 21.35 -16.44 -2.52
CA THR B 114 21.37 -15.00 -2.59
C THR B 114 20.69 -14.58 -3.92
N LEU B 115 19.70 -13.69 -3.83
CA LEU B 115 19.04 -13.08 -5.00
C LEU B 115 19.42 -11.60 -5.05
N CYS B 116 19.19 -10.95 -6.18
CA CYS B 116 19.53 -9.54 -6.33
C CYS B 116 21.02 -9.39 -5.92
N LYS B 117 21.86 -10.31 -6.44
CA LYS B 117 23.25 -10.50 -5.91
C LYS B 117 24.13 -9.28 -6.00
N GLU B 118 23.97 -8.49 -7.07
CA GLU B 118 24.75 -7.27 -7.25
C GLU B 118 23.89 -6.01 -7.08
N GLY B 119 22.79 -6.09 -6.35
CA GLY B 119 21.94 -4.94 -6.19
C GLY B 119 20.90 -4.80 -7.29
N CYS B 120 19.78 -4.16 -6.94
CA CYS B 120 18.67 -3.94 -7.86
C CYS B 120 17.77 -2.83 -7.32
N GLU B 121 16.67 -2.56 -8.02
CA GLU B 121 15.75 -1.50 -7.63
C GLU B 121 14.54 -2.15 -7.01
N ALA B 122 13.99 -1.46 -6.02
CA ALA B 122 12.81 -1.90 -5.34
C ALA B 122 11.92 -0.70 -5.06
N ILE B 123 10.63 -0.97 -4.86
CA ILE B 123 9.71 0.05 -4.39
C ILE B 123 9.05 -0.35 -3.06
N VAL B 124 8.67 0.65 -2.29
CA VAL B 124 8.07 0.47 -0.98
C VAL B 124 6.60 0.79 -1.16
N ASP B 125 5.77 -0.26 -1.09
CA ASP B 125 4.40 -0.22 -1.50
C ASP B 125 3.43 -0.74 -0.43
N THR B 126 2.79 0.20 0.29
CA THR B 126 1.79 -0.14 1.27
C THR B 126 0.57 -0.82 0.65
N GLY B 127 0.32 -0.60 -0.63
CA GLY B 127 -0.86 -1.15 -1.25
C GLY B 127 -0.74 -2.54 -1.86
N THR B 128 0.36 -3.25 -1.57
CA THR B 128 0.42 -4.67 -1.85
C THR B 128 0.76 -5.46 -0.58
N SER B 129 0.06 -6.57 -0.42
CA SER B 129 0.16 -7.36 0.81
CA SER B 129 0.14 -7.40 0.78
C SER B 129 1.49 -8.12 0.89
N LEU B 130 1.97 -8.63 -0.25
CA LEU B 130 3.11 -9.51 -0.29
C LEU B 130 4.36 -8.81 -0.78
N MET B 131 5.51 -9.43 -0.51
CA MET B 131 6.76 -9.07 -1.14
C MET B 131 6.62 -9.53 -2.59
N VAL B 132 7.23 -8.82 -3.53
CA VAL B 132 7.14 -9.20 -4.92
C VAL B 132 8.52 -9.16 -5.52
N GLY B 133 8.87 -10.18 -6.28
CA GLY B 133 10.16 -10.16 -6.97
C GLY B 133 10.04 -10.82 -8.33
N PRO B 134 11.11 -10.75 -9.13
CA PRO B 134 11.11 -11.43 -10.44
C PRO B 134 10.73 -12.91 -10.34
N VAL B 135 9.96 -13.38 -11.33
CA VAL B 135 9.43 -14.76 -11.37
C VAL B 135 10.52 -15.82 -11.16
N ASP B 136 11.61 -15.72 -11.89
CA ASP B 136 12.66 -16.73 -11.83
C ASP B 136 13.35 -16.71 -10.47
N GLU B 137 13.66 -15.53 -9.93
CA GLU B 137 14.32 -15.48 -8.62
C GLU B 137 13.41 -15.94 -7.52
N VAL B 138 12.14 -15.54 -7.58
CA VAL B 138 11.17 -16.00 -6.56
C VAL B 138 10.99 -17.52 -6.61
N ARG B 139 10.92 -18.10 -7.81
CA ARG B 139 10.89 -19.53 -7.93
C ARG B 139 12.07 -20.21 -7.17
N GLU B 140 13.29 -19.71 -7.36
CA GLU B 140 14.45 -20.23 -6.63
C GLU B 140 14.26 -20.12 -5.12
N LEU B 141 13.78 -18.93 -4.70
CA LEU B 141 13.51 -18.66 -3.29
C LEU B 141 12.54 -19.67 -2.69
N GLN B 142 11.46 -19.93 -3.39
CA GLN B 142 10.40 -20.79 -2.90
C GLN B 142 10.87 -22.25 -2.82
N LYS B 143 11.67 -22.66 -3.80
CA LYS B 143 12.34 -23.97 -3.76
C LYS B 143 13.25 -24.08 -2.52
N ALA B 144 14.00 -23.05 -2.20
CA ALA B 144 14.88 -23.09 -1.03
C ALA B 144 14.12 -23.28 0.28
N ILE B 145 12.92 -22.73 0.38
CA ILE B 145 12.17 -22.86 1.63
C ILE B 145 11.12 -23.97 1.60
N GLY B 146 10.99 -24.69 0.50
CA GLY B 146 10.04 -25.79 0.38
C GLY B 146 8.59 -25.37 0.16
N ALA B 147 8.35 -24.20 -0.43
CA ALA B 147 6.99 -23.78 -0.75
C ALA B 147 6.61 -24.38 -2.09
N VAL B 148 5.33 -24.44 -2.43
CA VAL B 148 4.92 -25.04 -3.70
C VAL B 148 3.92 -24.12 -4.35
N PRO B 149 3.89 -24.10 -5.69
CA PRO B 149 3.06 -23.10 -6.37
C PRO B 149 1.57 -23.27 -6.14
N LEU B 150 0.88 -22.14 -5.98
CA LEU B 150 -0.57 -22.11 -5.85
C LEU B 150 -1.13 -21.67 -7.22
N ILE B 151 -1.14 -20.36 -7.50
CA ILE B 151 -1.67 -19.80 -8.76
C ILE B 151 -1.13 -18.38 -8.89
N GLN B 152 -1.03 -17.89 -10.13
CA GLN B 152 -0.54 -16.54 -10.45
C GLN B 152 0.59 -16.01 -9.56
N GLY B 153 1.67 -16.78 -9.53
CA GLY B 153 2.90 -16.39 -8.89
C GLY B 153 2.90 -16.48 -7.38
N GLU B 154 1.84 -17.03 -6.78
CA GLU B 154 1.75 -17.26 -5.34
C GLU B 154 2.08 -18.72 -5.02
N TYR B 155 2.53 -18.94 -3.79
CA TYR B 155 3.02 -20.21 -3.28
C TYR B 155 2.54 -20.41 -1.86
N MET B 156 2.31 -21.66 -1.50
CA MET B 156 1.94 -22.03 -0.15
C MET B 156 2.96 -22.95 0.50
N ILE B 157 2.95 -22.97 1.84
CA ILE B 157 3.91 -23.75 2.64
C ILE B 157 3.14 -24.51 3.70
N PRO B 158 3.44 -25.80 3.92
CA PRO B 158 2.68 -26.49 4.95
C PRO B 158 2.83 -25.79 6.29
N CYS B 159 1.72 -25.52 6.98
CA CYS B 159 1.79 -24.73 8.22
C CYS B 159 2.70 -25.33 9.29
N GLU B 160 2.74 -26.64 9.37
CA GLU B 160 3.58 -27.32 10.36
C GLU B 160 5.09 -27.19 10.04
N LYS B 161 5.43 -26.82 8.81
CA LYS B 161 6.82 -26.54 8.37
C LYS B 161 7.37 -25.14 8.67
N VAL B 162 6.49 -24.19 8.96
CA VAL B 162 6.85 -22.76 9.01
C VAL B 162 7.92 -22.48 10.06
N SER B 163 7.74 -23.01 11.26
CA SER B 163 8.63 -22.68 12.37
C SER B 163 10.08 -23.11 12.16
N THR B 164 10.35 -24.03 11.23
CA THR B 164 11.71 -24.45 10.94
C THR B 164 12.28 -23.91 9.62
N LEU B 165 11.55 -23.02 8.94
CA LEU B 165 12.11 -22.35 7.75
C LEU B 165 13.27 -21.41 8.08
N PRO B 166 14.11 -21.14 7.08
CA PRO B 166 15.19 -20.17 7.30
C PRO B 166 14.68 -18.74 7.27
N ALA B 167 15.32 -17.87 8.03
CA ALA B 167 15.11 -16.42 7.90
C ALA B 167 15.59 -15.91 6.50
N ILE B 168 15.00 -14.80 6.06
CA ILE B 168 15.33 -14.16 4.81
C ILE B 168 15.65 -12.71 5.16
N THR B 169 16.79 -12.21 4.67
CA THR B 169 17.25 -10.88 5.03
C THR B 169 17.40 -10.04 3.77
N LEU B 170 16.83 -8.84 3.79
CA LEU B 170 17.01 -7.87 2.73
C LEU B 170 18.03 -6.87 3.20
N LYS B 171 18.98 -6.58 2.33
CA LYS B 171 20.03 -5.61 2.61
C LYS B 171 19.75 -4.29 1.93
N LEU B 172 19.52 -3.27 2.75
CA LEU B 172 19.16 -1.93 2.29
C LEU B 172 20.03 -0.88 3.00
N GLY B 173 20.62 0.03 2.23
CA GLY B 173 21.59 0.99 2.77
C GLY B 173 22.71 0.33 3.57
N GLY B 174 23.15 -0.85 3.15
CA GLY B 174 24.20 -1.55 3.88
C GLY B 174 23.81 -2.23 5.19
N LYS B 175 22.55 -2.09 5.62
CA LYS B 175 22.02 -2.75 6.83
C LYS B 175 21.11 -3.92 6.46
N GLY B 176 21.12 -4.93 7.32
CA GLY B 176 20.35 -6.14 7.17
C GLY B 176 18.98 -5.96 7.81
N TYR B 177 17.93 -6.33 7.07
CA TYR B 177 16.55 -6.30 7.56
C TYR B 177 16.02 -7.73 7.50
N LYS B 178 16.08 -8.41 8.63
CA LYS B 178 15.72 -9.81 8.75
C LYS B 178 14.20 -9.99 8.76
N LEU B 179 13.73 -11.02 8.05
CA LEU B 179 12.33 -11.47 8.18
C LEU B 179 12.32 -12.93 8.63
N SER B 180 11.68 -13.18 9.75
CA SER B 180 11.54 -14.52 10.26
C SER B 180 10.50 -15.23 9.42
N PRO B 181 10.47 -16.57 9.51
CA PRO B 181 9.40 -17.25 8.78
C PRO B 181 8.00 -16.78 9.15
N GLU B 182 7.82 -16.43 10.41
CA GLU B 182 6.54 -15.96 10.91
C GLU B 182 6.25 -14.62 10.25
N ASP B 183 7.25 -13.77 10.08
CA ASP B 183 7.07 -12.45 9.39
C ASP B 183 6.70 -12.58 7.93
N TYR B 184 7.36 -13.53 7.23
CA TYR B 184 7.18 -13.66 5.76
C TYR B 184 6.16 -14.68 5.31
N THR B 185 5.45 -15.32 6.24
CA THR B 185 4.32 -16.17 5.91
C THR B 185 3.05 -15.59 6.53
N LEU B 186 1.92 -15.86 5.88
CA LEU B 186 0.62 -15.27 6.22
C LEU B 186 -0.37 -16.44 6.37
N LYS B 187 -1.18 -16.43 7.44
CA LYS B 187 -2.34 -17.33 7.54
C LYS B 187 -3.45 -16.85 6.62
N VAL B 188 -4.03 -17.77 5.88
CA VAL B 188 -5.20 -17.50 5.05
C VAL B 188 -6.30 -18.53 5.40
N SER B 189 -7.56 -18.08 5.31
CA SER B 189 -8.73 -18.91 5.59
C SER B 189 -9.73 -18.82 4.46
N GLN B 190 -10.31 -19.95 4.11
CA GLN B 190 -11.44 -19.99 3.19
C GLN B 190 -12.26 -21.22 3.57
N ALA B 191 -13.56 -21.01 3.79
CA ALA B 191 -14.51 -22.12 4.01
C ALA B 191 -14.10 -23.05 5.17
N GLY B 192 -13.64 -22.45 6.28
CA GLY B 192 -13.28 -23.22 7.49
C GLY B 192 -11.92 -23.93 7.48
N LYS B 193 -11.11 -23.70 6.45
CA LYS B 193 -9.79 -24.33 6.36
C LYS B 193 -8.74 -23.24 6.60
N THR B 194 -7.58 -23.63 7.12
CA THR B 194 -6.45 -22.70 7.26
C THR B 194 -5.25 -23.18 6.48
N LEU B 195 -4.62 -22.26 5.75
CA LEU B 195 -3.39 -22.55 5.04
C LEU B 195 -2.38 -21.45 5.30
N CYS B 196 -1.13 -21.72 4.96
CA CYS B 196 -0.03 -20.75 5.11
C CYS B 196 0.50 -20.35 3.72
N LEU B 197 0.32 -19.06 3.41
CA LEU B 197 0.79 -18.46 2.15
C LEU B 197 2.22 -17.96 2.31
N SER B 198 3.09 -18.30 1.35
CA SER B 198 4.41 -17.68 1.24
C SER B 198 4.25 -16.21 0.96
N GLY B 199 4.97 -15.42 1.71
CA GLY B 199 4.87 -13.97 1.60
C GLY B 199 5.63 -13.32 0.46
N PHE B 200 6.16 -14.14 -0.46
CA PHE B 200 6.82 -13.66 -1.69
C PHE B 200 6.02 -14.13 -2.87
N MET B 201 5.67 -13.21 -3.75
CA MET B 201 4.99 -13.52 -5.00
C MET B 201 5.91 -13.23 -6.18
N GLY B 202 5.84 -14.08 -7.21
CA GLY B 202 6.64 -13.90 -8.44
C GLY B 202 5.85 -13.09 -9.46
N MET B 203 6.40 -11.98 -9.95
CA MET B 203 5.72 -11.18 -10.95
C MET B 203 6.78 -10.40 -11.70
N ASP B 204 6.71 -10.41 -13.03
CA ASP B 204 7.71 -9.69 -13.84
C ASP B 204 7.11 -8.38 -14.24
N ILE B 205 7.73 -7.29 -13.82
CA ILE B 205 7.33 -5.94 -14.19
C ILE B 205 8.24 -5.52 -15.34
N PRO B 206 7.68 -5.27 -16.51
CA PRO B 206 8.56 -4.96 -17.68
C PRO B 206 9.23 -3.58 -17.63
N PRO B 207 10.36 -3.42 -18.38
CA PRO B 207 10.89 -2.08 -18.60
C PRO B 207 9.80 -1.27 -19.27
N PRO B 208 9.80 0.06 -19.15
CA PRO B 208 10.90 0.81 -18.54
C PRO B 208 10.83 0.91 -17.01
N SER B 209 9.67 0.66 -16.42
CA SER B 209 9.54 0.74 -14.95
C SER B 209 10.28 -0.35 -14.21
N GLY B 210 10.15 -1.56 -14.73
CA GLY B 210 10.77 -2.71 -14.13
C GLY B 210 12.10 -3.10 -14.77
N PRO B 211 12.74 -4.15 -14.26
CA PRO B 211 12.23 -4.99 -13.16
C PRO B 211 12.32 -4.31 -11.80
N LEU B 212 11.44 -4.72 -10.92
CA LEU B 212 11.38 -4.16 -9.57
C LEU B 212 10.99 -5.23 -8.55
N TRP B 213 11.69 -5.24 -7.43
CA TRP B 213 11.18 -5.93 -6.23
C TRP B 213 10.23 -4.96 -5.52
N ILE B 214 9.30 -5.51 -4.74
CA ILE B 214 8.36 -4.68 -4.01
C ILE B 214 8.45 -5.09 -2.55
N LEU B 215 8.70 -4.10 -1.71
CA LEU B 215 8.61 -4.29 -0.28
C LEU B 215 7.17 -3.94 0.09
N GLY B 216 6.34 -4.95 0.30
CA GLY B 216 4.94 -4.74 0.65
C GLY B 216 4.67 -4.81 2.15
N ASP B 217 3.43 -5.12 2.47
CA ASP B 217 2.94 -5.13 3.88
C ASP B 217 3.69 -6.13 4.76
N VAL B 218 4.10 -7.26 4.18
CA VAL B 218 5.02 -8.19 4.87
C VAL B 218 6.21 -7.46 5.50
N PHE B 219 6.87 -6.62 4.72
CA PHE B 219 8.04 -5.88 5.22
C PHE B 219 7.72 -4.74 6.17
N ILE B 220 6.77 -3.90 5.73
CA ILE B 220 6.35 -2.70 6.41
C ILE B 220 5.76 -3.09 7.79
N GLY B 221 5.12 -4.26 7.86
CA GLY B 221 4.67 -4.83 9.13
C GLY B 221 5.74 -5.06 10.18
N ARG B 222 6.90 -5.54 9.75
CA ARG B 222 8.04 -5.74 10.66
C ARG B 222 8.82 -4.42 10.90
N TYR B 223 8.88 -3.56 9.88
CA TYR B 223 9.67 -2.32 9.86
C TYR B 223 8.81 -1.11 9.58
N TYR B 224 8.52 -0.39 10.65
CA TYR B 224 7.77 0.85 10.62
C TYR B 224 8.45 1.75 9.60
N THR B 225 7.66 2.37 8.73
CA THR B 225 8.20 3.06 7.55
C THR B 225 7.76 4.49 7.49
N VAL B 226 8.74 5.33 7.19
CA VAL B 226 8.57 6.78 7.05
C VAL B 226 8.86 7.18 5.59
N PHE B 227 7.90 7.90 4.98
CA PHE B 227 8.01 8.43 3.64
C PHE B 227 8.21 9.93 3.75
N ASP B 228 9.32 10.43 3.22
CA ASP B 228 9.74 11.80 3.49
C ASP B 228 9.89 12.55 2.16
N ARG B 229 8.92 13.40 1.86
CA ARG B 229 8.92 14.28 0.65
C ARG B 229 9.83 15.53 0.73
N ASP B 230 10.14 15.99 1.93
CA ASP B 230 11.08 17.11 2.10
C ASP B 230 12.49 16.71 1.66
N ASN B 231 12.92 15.49 1.99
CA ASN B 231 14.28 15.02 1.74
C ASN B 231 14.34 13.83 0.75
N ASN B 232 13.19 13.45 0.19
CA ASN B 232 13.10 12.35 -0.80
C ASN B 232 13.81 11.10 -0.33
N ARG B 233 13.34 10.59 0.80
CA ARG B 233 13.95 9.42 1.41
C ARG B 233 12.93 8.58 2.10
N VAL B 234 13.29 7.33 2.33
CA VAL B 234 12.48 6.38 3.09
C VAL B 234 13.24 5.96 4.34
N GLY B 235 12.53 5.91 5.48
CA GLY B 235 13.06 5.50 6.76
C GLY B 235 12.37 4.27 7.31
N PHE B 236 13.16 3.42 7.97
CA PHE B 236 12.72 2.16 8.56
C PHE B 236 13.20 2.08 10.01
N ALA B 237 12.32 1.62 10.88
CA ALA B 237 12.69 1.26 12.25
C ALA B 237 11.95 -0.02 12.56
N GLU B 238 12.48 -0.79 13.50
CA GLU B 238 11.84 -1.99 13.92
C GLU B 238 10.47 -1.62 14.54
N ALA B 239 9.40 -2.20 14.03
CA ALA B 239 8.06 -1.95 14.58
C ALA B 239 7.89 -2.61 15.96
N ALA B 240 6.95 -2.06 16.75
CA ALA B 240 6.55 -2.65 18.04
C ALA B 240 6.21 -4.13 17.88
N ARG B 241 6.80 -5.04 18.69
CA ARG B 241 6.73 -6.49 18.39
CA ARG B 241 5.92 -7.36 17.40
C ARG B 241 6.38 -7.42 19.57
#